data_7QAV
#
_entry.id   7QAV
#
_cell.length_a   108.728
_cell.length_b   121.152
_cell.length_c   112.113
_cell.angle_alpha   90.000
_cell.angle_beta   90.000
_cell.angle_gamma   90.000
#
_symmetry.space_group_name_H-M   'C 2 2 21'
#
loop_
_entity.id
_entity.type
_entity.pdbx_description
1 polymer 'Multiple virulence factor regulator MvfR'
2 non-polymer ~{N}-[[2-(4-cyclopropylphenyl)-1,3-thiazol-5-yl]methyl]-2-(trifluoromethyl)pyridin-4-amine
3 water water
#
_entity_poly.entity_id   1
_entity_poly.type   'polypeptide(L)'
_entity_poly.pdbx_seq_one_letter_code
;MPIHNLNHVNMFLQVIASGSISSAARILRKSHTAVSSAVSNLEIDLCVELVRRDGYKVEPTEQALRLIPYMRSLLNYQQL
IGDIAFNLNKGPRNLRVLLDTAIPPSFCDTVSSVLLDDFNMVSLIRTSPADSLATIKQDNAEIDIAITIDEELKISRFNQ
CVLGYTKAFVVAHPQHPLCNASLHSIASLANYRQISLGSRSGQHSNLLRPVSDKVLFVENFDDMLRLVEAGVGWGIAPHY
FVEERLRNGTLAVLSELYEPGGIDTKVYCYYNTALESERSFLRFLESARQRLRQLGRQRFDDAPAWQPSIVETAQRRSGP
KALAYRQRAAPE
;
_entity_poly.pdbx_strand_id   A,B
#
loop_
_chem_comp.id
_chem_comp.type
_chem_comp.name
_chem_comp.formula
XBH non-polymer ~{N}-[[2-(4-cyclopropylphenyl)-1,3-thiazol-5-yl]methyl]-2-(trifluoromethyl)pyridin-4-amine 'C19 H16 F3 N3 S'
#
# COMPACT_ATOMS: atom_id res chain seq x y z
N ARG A 93 -10.23 -2.36 -32.87
CA ARG A 93 -9.47 -1.16 -33.19
C ARG A 93 -8.10 -1.23 -32.55
N ASN A 94 -7.56 -0.07 -32.17
CA ASN A 94 -6.36 0.02 -31.35
C ASN A 94 -6.72 0.21 -29.89
N LEU A 95 -6.06 -0.55 -29.01
CA LEU A 95 -6.02 -0.28 -27.58
C LEU A 95 -4.60 0.20 -27.33
N ARG A 96 -4.51 1.25 -26.52
CA ARG A 96 -3.28 1.82 -25.99
C ARG A 96 -3.10 1.69 -24.48
N VAL A 97 -1.90 1.29 -24.09
CA VAL A 97 -1.57 0.89 -22.75
C VAL A 97 -0.34 1.69 -22.38
N LEU A 98 -0.33 2.13 -21.13
CA LEU A 98 0.72 2.95 -20.57
C LEU A 98 1.30 2.10 -19.46
N LEU A 99 2.60 2.17 -19.32
CA LEU A 99 3.26 1.53 -18.21
C LEU A 99 4.33 2.52 -17.76
N ASP A 100 4.51 2.61 -16.46
CA ASP A 100 5.47 3.52 -15.91
C ASP A 100 6.85 2.87 -15.77
N THR A 101 7.81 3.75 -15.50
CA THR A 101 9.20 3.37 -15.43
C THR A 101 9.52 2.58 -14.19
N ALA A 102 8.59 2.51 -13.23
CA ALA A 102 8.78 1.64 -12.08
C ALA A 102 8.34 0.20 -12.36
N ILE A 103 7.65 -0.05 -13.46
CA ILE A 103 7.23 -1.41 -13.81
C ILE A 103 8.42 -2.22 -14.32
N PRO A 104 8.84 -3.27 -13.61
CA PRO A 104 9.96 -4.09 -14.09
C PRO A 104 9.70 -4.61 -15.50
N PRO A 105 10.75 -4.79 -16.30
CA PRO A 105 10.55 -5.28 -17.68
C PRO A 105 9.88 -6.65 -17.78
N SER A 106 10.16 -7.62 -16.92
CA SER A 106 9.38 -8.87 -17.00
C SER A 106 7.89 -8.57 -16.88
N PHE A 107 7.55 -7.63 -16.00
CA PHE A 107 6.18 -7.19 -15.76
C PHE A 107 5.59 -6.63 -17.05
N CYS A 108 6.31 -5.69 -17.69
CA CYS A 108 5.80 -5.06 -18.88
C CYS A 108 5.60 -6.09 -20.00
N ASP A 109 6.56 -7.00 -20.13
CA ASP A 109 6.49 -8.01 -21.18
C ASP A 109 5.34 -8.97 -20.94
N THR A 110 5.19 -9.43 -19.70
CA THR A 110 4.05 -10.28 -19.35
C THR A 110 2.71 -9.62 -19.68
N VAL A 111 2.58 -8.32 -19.42
CA VAL A 111 1.30 -7.66 -19.71
C VAL A 111 1.09 -7.58 -21.21
N SER A 112 2.04 -6.99 -21.92
CA SER A 112 1.93 -6.89 -23.37
C SER A 112 1.59 -8.27 -23.96
N SER A 113 2.34 -9.33 -23.62
CA SER A 113 2.08 -10.64 -24.21
C SER A 113 0.63 -11.05 -24.03
N VAL A 114 0.11 -10.91 -22.81
CA VAL A 114 -1.28 -11.31 -22.60
C VAL A 114 -2.19 -10.45 -23.47
N LEU A 115 -1.98 -9.13 -23.49
CA LEU A 115 -2.82 -8.26 -24.31
C LEU A 115 -2.83 -8.71 -25.77
N LEU A 116 -1.66 -8.99 -26.35
CA LEU A 116 -1.71 -9.38 -27.76
C LEU A 116 -2.42 -10.72 -27.89
N ASP A 117 -2.40 -11.55 -26.83
CA ASP A 117 -3.18 -12.78 -26.92
C ASP A 117 -4.69 -12.49 -26.89
N ASP A 118 -5.11 -11.42 -26.19
CA ASP A 118 -6.53 -11.15 -26.00
C ASP A 118 -6.94 -9.80 -26.58
N PHE A 119 -6.11 -9.21 -27.45
CA PHE A 119 -6.47 -7.98 -28.13
C PHE A 119 -5.80 -7.97 -29.49
N ASN A 120 -6.49 -7.35 -30.46
CA ASN A 120 -6.03 -7.37 -31.85
C ASN A 120 -4.80 -6.49 -32.05
N MET A 121 -4.80 -5.30 -31.47
CA MET A 121 -3.95 -4.16 -31.82
C MET A 121 -3.44 -3.59 -30.50
N VAL A 122 -2.13 -3.60 -30.30
CA VAL A 122 -1.58 -3.14 -29.03
C VAL A 122 -0.43 -2.16 -29.24
N SER A 123 -0.61 -0.92 -28.74
CA SER A 123 0.38 0.16 -28.71
C SER A 123 0.82 0.41 -27.26
N LEU A 124 2.13 0.44 -27.01
CA LEU A 124 2.67 0.54 -25.67
C LEU A 124 3.22 1.94 -25.46
N ILE A 125 2.98 2.53 -24.29
CA ILE A 125 3.49 3.89 -24.04
C ILE A 125 4.19 3.88 -22.68
N ARG A 126 5.35 4.57 -22.54
CA ARG A 126 6.02 4.57 -21.21
C ARG A 126 6.22 6.02 -20.73
N THR A 127 5.92 6.21 -19.45
CA THR A 127 6.12 7.42 -18.68
C THR A 127 6.36 7.19 -17.18
N SER A 128 6.99 8.18 -16.55
CA SER A 128 7.19 8.19 -15.09
C SER A 128 5.84 8.33 -14.39
N PRO A 129 5.62 7.64 -13.25
CA PRO A 129 4.24 7.55 -12.73
C PRO A 129 3.51 8.89 -12.57
N ALA A 130 4.21 9.97 -12.20
CA ALA A 130 3.56 11.27 -12.06
C ALA A 130 2.97 11.64 -13.41
N ASP A 131 3.77 11.40 -14.46
CA ASP A 131 3.24 11.73 -15.75
C ASP A 131 2.40 10.59 -16.25
N SER A 132 2.37 9.47 -15.52
CA SER A 132 1.58 8.34 -15.97
C SER A 132 0.13 8.79 -15.86
N LEU A 133 -0.32 9.07 -14.60
CA LEU A 133 -1.74 9.48 -14.42
C LEU A 133 -2.02 10.80 -15.09
N ALA A 134 -1.07 11.75 -15.07
CA ALA A 134 -1.41 12.99 -15.76
C ALA A 134 -1.69 12.72 -17.22
N THR A 135 -0.85 11.91 -17.82
CA THR A 135 -0.95 11.62 -19.23
C THR A 135 -2.29 10.97 -19.57
N ILE A 136 -2.70 9.95 -18.79
CA ILE A 136 -3.96 9.30 -19.18
C ILE A 136 -5.12 10.27 -19.09
N LYS A 137 -5.01 11.22 -18.14
CA LYS A 137 -6.03 12.23 -17.83
C LYS A 137 -6.12 13.26 -18.95
N GLN A 138 -5.00 13.57 -19.60
CA GLN A 138 -5.04 14.51 -20.72
C GLN A 138 -6.13 14.21 -21.73
N ASP A 139 -6.68 13.00 -21.78
CA ASP A 139 -7.75 12.63 -22.72
C ASP A 139 -7.42 12.69 -24.21
N ASN A 140 -6.41 13.46 -24.61
CA ASN A 140 -5.94 13.52 -26.00
C ASN A 140 -5.04 12.36 -26.45
N ALA A 141 -4.67 11.47 -25.57
CA ALA A 141 -3.75 10.37 -25.85
C ALA A 141 -4.49 9.12 -26.21
N GLU A 142 -5.72 9.01 -25.77
CA GLU A 142 -6.54 7.86 -26.07
C GLU A 142 -5.84 6.63 -25.53
N ILE A 143 -5.48 6.73 -24.26
CA ILE A 143 -4.92 5.62 -23.49
C ILE A 143 -6.11 4.90 -22.87
N ASP A 144 -6.23 3.61 -23.17
CA ASP A 144 -7.33 2.79 -22.69
C ASP A 144 -6.98 2.07 -21.40
N ILE A 145 -5.70 1.71 -21.23
CA ILE A 145 -5.22 1.01 -20.05
C ILE A 145 -3.92 1.61 -19.55
N ALA A 146 -3.79 1.74 -18.23
CA ALA A 146 -2.55 2.28 -17.66
C ALA A 146 -2.16 1.41 -16.48
N ILE A 147 -0.90 1.03 -16.41
CA ILE A 147 -0.39 0.16 -15.35
C ILE A 147 0.64 1.00 -14.63
N THR A 148 0.32 1.50 -13.45
CA THR A 148 1.26 2.37 -12.77
C THR A 148 1.13 2.15 -11.28
N ILE A 149 1.96 2.86 -10.50
CA ILE A 149 1.99 2.75 -9.04
C ILE A 149 1.37 3.95 -8.33
N ASP A 150 1.18 5.04 -9.06
CA ASP A 150 0.58 6.27 -8.54
C ASP A 150 -0.89 6.05 -8.19
N GLU A 151 -1.33 6.69 -7.11
CA GLU A 151 -2.68 6.41 -6.67
C GLU A 151 -3.50 7.68 -6.79
N GLU A 152 -4.67 7.49 -7.40
CA GLU A 152 -5.79 8.41 -7.54
C GLU A 152 -7.05 7.56 -7.68
N LEU A 153 -7.98 7.68 -6.73
CA LEU A 153 -9.17 6.84 -6.77
C LEU A 153 -10.24 7.21 -7.81
N LYS A 154 -10.75 8.45 -7.81
CA LYS A 154 -11.76 8.89 -8.79
C LYS A 154 -11.14 9.61 -9.97
N ILE A 155 -11.07 8.91 -11.12
CA ILE A 155 -10.49 9.48 -12.33
C ILE A 155 -11.64 9.39 -13.30
N SER A 156 -11.81 10.36 -14.19
CA SER A 156 -12.94 10.22 -15.11
C SER A 156 -12.67 9.12 -16.14
N ARG A 157 -13.71 8.40 -16.52
CA ARG A 157 -13.67 7.42 -17.59
C ARG A 157 -12.74 6.26 -17.27
N PHE A 158 -12.21 6.22 -16.04
CA PHE A 158 -11.26 5.17 -15.64
C PHE A 158 -11.65 4.62 -14.28
N ASN A 159 -11.54 3.30 -14.19
CA ASN A 159 -11.68 2.47 -13.02
C ASN A 159 -10.31 1.92 -12.64
N GLN A 160 -10.21 1.27 -11.50
CA GLN A 160 -8.95 0.93 -10.88
C GLN A 160 -9.02 -0.57 -10.61
N CYS A 161 -7.85 -1.20 -10.63
CA CYS A 161 -7.72 -2.56 -10.14
C CYS A 161 -6.26 -2.73 -9.76
N VAL A 162 -5.98 -3.75 -8.97
CA VAL A 162 -4.60 -4.05 -8.61
C VAL A 162 -4.14 -5.21 -9.50
N LEU A 163 -2.97 -5.05 -10.13
CA LEU A 163 -2.44 -6.10 -11.01
C LEU A 163 -1.32 -6.85 -10.32
N GLY A 164 -0.83 -6.36 -9.19
CA GLY A 164 0.29 -7.04 -8.54
C GLY A 164 1.13 -6.05 -7.78
N TYR A 165 2.39 -6.44 -7.56
CA TYR A 165 3.25 -5.63 -6.72
C TYR A 165 4.64 -5.59 -7.33
N THR A 166 5.37 -4.54 -6.99
CA THR A 166 6.76 -4.38 -7.36
C THR A 166 7.48 -3.85 -6.14
N LYS A 167 8.80 -3.88 -6.16
CA LYS A 167 9.60 -3.49 -5.00
C LYS A 167 10.49 -2.30 -5.38
N ALA A 168 10.84 -1.52 -4.36
CA ALA A 168 11.61 -0.30 -4.55
C ALA A 168 12.57 -0.15 -3.38
N PHE A 169 13.67 0.54 -3.62
CA PHE A 169 14.71 0.66 -2.62
C PHE A 169 15.10 2.13 -2.45
N VAL A 170 15.36 2.50 -1.19
CA VAL A 170 16.07 3.75 -0.88
C VAL A 170 17.56 3.50 -1.06
N VAL A 171 18.14 4.13 -2.09
CA VAL A 171 19.54 3.95 -2.44
C VAL A 171 20.31 5.25 -2.26
N ALA A 172 21.63 5.09 -2.09
CA ALA A 172 22.51 6.25 -1.89
C ALA A 172 23.97 5.81 -2.03
N HIS A 173 24.83 6.78 -2.34
CA HIS A 173 26.25 6.48 -2.52
C HIS A 173 26.78 5.81 -1.25
N PRO A 174 27.65 4.79 -1.36
CA PRO A 174 28.13 4.11 -0.14
C PRO A 174 28.80 5.07 0.81
N GLN A 175 29.44 6.12 0.30
CA GLN A 175 30.16 7.09 1.11
C GLN A 175 29.33 8.33 1.35
N HIS A 176 28.03 8.25 1.10
CA HIS A 176 27.12 9.33 1.41
C HIS A 176 27.13 9.45 2.93
N PRO A 177 27.05 10.64 3.47
CA PRO A 177 27.05 10.76 4.93
C PRO A 177 26.19 9.71 5.62
N LEU A 178 24.98 9.59 5.11
CA LEU A 178 23.95 8.77 5.72
C LEU A 178 24.37 7.34 6.04
N CYS A 179 25.06 6.68 5.13
CA CYS A 179 25.47 5.30 5.30
C CYS A 179 26.17 5.04 6.65
N ASN A 180 26.98 5.96 7.14
CA ASN A 180 27.64 5.66 8.41
C ASN A 180 26.77 5.33 9.62
N ALA A 181 25.50 5.75 9.69
CA ALA A 181 24.68 5.39 10.83
C ALA A 181 24.50 3.88 11.01
N SER A 182 24.28 3.14 9.93
CA SER A 182 24.02 1.69 9.92
C SER A 182 22.59 1.35 10.30
N LEU A 183 21.89 2.28 10.95
CA LEU A 183 20.48 2.11 11.31
C LEU A 183 19.95 3.47 10.84
N HIS A 184 19.37 3.48 9.64
CA HIS A 184 18.79 4.63 8.97
C HIS A 184 17.28 4.52 9.03
N SER A 185 16.67 5.67 9.20
CA SER A 185 15.26 5.79 9.45
C SER A 185 14.79 7.05 8.74
N ILE A 186 13.48 7.09 8.53
CA ILE A 186 12.89 8.14 7.74
C ILE A 186 13.16 9.51 8.39
N ALA A 187 13.30 9.54 9.72
CA ALA A 187 13.70 10.80 10.31
C ALA A 187 15.18 11.03 10.08
N SER A 188 16.02 10.00 10.18
CA SER A 188 17.45 10.23 10.03
C SER A 188 17.77 10.72 8.63
N LEU A 189 16.97 10.31 7.64
CA LEU A 189 17.16 10.71 6.25
C LEU A 189 16.47 12.00 5.82
N ALA A 190 15.51 12.52 6.60
CA ALA A 190 14.82 13.76 6.21
C ALA A 190 15.72 15.01 6.19
N ASN A 191 16.87 14.97 6.84
CA ASN A 191 17.80 16.09 6.89
C ASN A 191 18.61 16.13 5.61
N TYR A 192 19.03 14.97 5.12
CA TYR A 192 19.80 14.91 3.91
C TYR A 192 18.88 14.97 2.70
N ARG A 193 19.45 15.42 1.59
CA ARG A 193 18.68 15.76 0.40
C ARG A 193 18.24 14.56 -0.43
N GLN A 194 17.05 14.71 -0.99
CA GLN A 194 16.45 13.65 -1.79
C GLN A 194 16.40 14.04 -3.27
N ILE A 195 16.96 13.21 -4.14
CA ILE A 195 16.65 13.33 -5.57
C ILE A 195 15.33 12.61 -5.70
N SER A 196 14.32 13.32 -6.17
CA SER A 196 12.97 12.78 -6.25
C SER A 196 12.42 13.06 -7.62
N LEU A 197 11.45 12.29 -8.05
CA LEU A 197 10.86 12.54 -9.36
C LEU A 197 9.77 13.57 -9.12
N GLY A 198 9.45 14.33 -10.15
CA GLY A 198 8.39 15.32 -10.10
C GLY A 198 8.31 15.93 -11.48
N SER A 199 7.19 15.82 -12.16
CA SER A 199 7.10 16.39 -13.50
C SER A 199 5.91 17.25 -13.88
N GLY A 202 3.24 19.61 -12.43
CA GLY A 202 3.67 20.40 -11.30
C GLY A 202 3.16 19.88 -9.97
N GLN A 203 1.95 19.32 -9.98
CA GLN A 203 1.35 18.75 -8.80
C GLN A 203 2.01 17.41 -8.47
N HIS A 204 1.77 16.93 -7.25
CA HIS A 204 2.38 15.70 -6.77
C HIS A 204 1.37 14.81 -6.07
N SER A 205 1.54 13.50 -6.21
CA SER A 205 0.73 12.53 -5.50
C SER A 205 1.26 12.33 -4.08
N ASN A 206 0.50 11.62 -3.25
CA ASN A 206 0.98 11.31 -1.90
C ASN A 206 2.12 10.30 -1.95
N LEU A 207 1.95 9.27 -2.80
CA LEU A 207 2.89 8.15 -2.86
C LEU A 207 4.26 8.63 -3.28
N LEU A 208 4.29 9.53 -4.25
CA LEU A 208 5.49 10.08 -4.86
C LEU A 208 5.83 11.45 -4.29
N ARG A 209 5.20 11.79 -3.16
CA ARG A 209 5.49 13.00 -2.41
C ARG A 209 6.91 12.84 -1.84
N PRO A 210 7.67 13.91 -1.79
CA PRO A 210 8.98 13.97 -1.12
C PRO A 210 8.99 13.81 0.36
N VAL A 211 9.98 13.09 0.90
CA VAL A 211 10.02 12.90 2.35
C VAL A 211 10.76 14.02 3.06
N SER A 212 11.50 14.82 2.35
CA SER A 212 12.38 15.87 2.88
C SER A 212 12.11 17.28 2.43
N ASP A 213 12.52 18.21 3.32
CA ASP A 213 12.36 19.62 3.01
C ASP A 213 13.41 20.02 1.99
N LYS A 214 14.55 19.30 2.00
CA LYS A 214 15.66 19.54 1.08
C LYS A 214 15.56 18.51 -0.03
N VAL A 215 15.17 18.95 -1.22
CA VAL A 215 14.82 18.05 -2.31
C VAL A 215 15.38 18.60 -3.61
N LEU A 216 15.47 17.72 -4.60
CA LEU A 216 15.83 18.07 -5.96
C LEU A 216 15.03 17.19 -6.90
N PHE A 217 14.24 17.81 -7.76
CA PHE A 217 13.39 17.12 -8.70
C PHE A 217 14.25 16.78 -9.91
N VAL A 218 14.05 15.56 -10.41
CA VAL A 218 14.65 15.06 -11.63
C VAL A 218 13.53 14.53 -12.48
N GLU A 219 13.84 14.29 -13.74
CA GLU A 219 12.80 13.96 -14.70
C GLU A 219 12.79 12.51 -15.15
N ASN A 220 13.83 11.73 -14.88
CA ASN A 220 13.77 10.31 -15.17
C ASN A 220 14.56 9.63 -14.06
N PHE A 221 14.60 8.31 -14.07
CA PHE A 221 15.36 7.61 -13.04
C PHE A 221 16.87 7.56 -13.33
N ASP A 222 17.28 7.55 -14.60
CA ASP A 222 18.70 7.54 -14.93
C ASP A 222 19.40 8.77 -14.38
N ASP A 223 18.77 9.93 -14.53
CA ASP A 223 19.35 11.16 -14.04
C ASP A 223 19.34 11.21 -12.52
N MET A 224 18.29 10.63 -11.93
CA MET A 224 18.27 10.52 -10.48
C MET A 224 19.48 9.78 -9.98
N LEU A 225 19.73 8.62 -10.56
CA LEU A 225 20.82 7.77 -10.10
C LEU A 225 22.21 8.27 -10.46
N ARG A 226 22.35 8.96 -11.59
CA ARG A 226 23.64 9.60 -11.87
C ARG A 226 23.98 10.54 -10.74
N LEU A 227 23.01 11.36 -10.34
CA LEU A 227 23.20 12.34 -9.28
C LEU A 227 23.51 11.62 -7.96
N VAL A 228 22.70 10.63 -7.63
CA VAL A 228 22.87 9.89 -6.38
C VAL A 228 24.26 9.28 -6.28
N GLU A 229 24.72 8.70 -7.37
CA GLU A 229 26.04 8.11 -7.45
C GLU A 229 27.14 9.14 -7.36
N ALA A 230 26.80 10.41 -7.50
CA ALA A 230 27.75 11.47 -7.24
C ALA A 230 27.56 12.09 -5.88
N GLY A 231 26.84 11.39 -5.00
CA GLY A 231 26.66 11.87 -3.65
C GLY A 231 25.77 13.07 -3.51
N VAL A 232 25.18 13.55 -4.60
CA VAL A 232 24.30 14.71 -4.51
C VAL A 232 23.27 14.49 -3.40
N GLY A 233 22.59 13.37 -3.42
CA GLY A 233 21.63 13.03 -2.39
C GLY A 233 21.32 11.54 -2.37
N TRP A 234 20.13 11.24 -1.84
CA TRP A 234 19.58 9.90 -1.83
C TRP A 234 18.28 9.84 -2.60
N GLY A 235 17.84 8.61 -2.91
CA GLY A 235 16.63 8.49 -3.70
C GLY A 235 15.89 7.18 -3.50
N ILE A 236 14.71 7.12 -4.13
CA ILE A 236 13.86 5.94 -4.12
C ILE A 236 13.71 5.46 -5.56
N ALA A 237 14.28 4.31 -5.86
CA ALA A 237 14.35 3.79 -7.22
C ALA A 237 13.77 2.38 -7.26
N PRO A 238 13.32 1.94 -8.43
CA PRO A 238 12.80 0.57 -8.50
C PRO A 238 13.94 -0.43 -8.45
N HIS A 239 13.55 -1.69 -8.19
CA HIS A 239 14.53 -2.77 -8.16
C HIS A 239 15.25 -2.90 -9.48
N TYR A 240 14.51 -3.12 -10.57
CA TYR A 240 15.18 -3.47 -11.83
C TYR A 240 16.21 -2.42 -12.22
N PHE A 241 16.05 -1.19 -11.78
CA PHE A 241 16.94 -0.09 -12.14
C PHE A 241 18.29 -0.21 -11.40
N VAL A 242 18.25 -0.46 -10.10
CA VAL A 242 19.45 -0.41 -9.25
C VAL A 242 19.96 -1.80 -8.85
N GLU A 243 19.38 -2.88 -9.40
CA GLU A 243 19.89 -4.20 -9.08
C GLU A 243 21.39 -4.27 -9.30
N GLU A 244 21.83 -3.84 -10.48
CA GLU A 244 23.24 -4.00 -10.81
C GLU A 244 24.12 -3.09 -9.99
N ARG A 245 23.77 -1.80 -9.92
CA ARG A 245 24.62 -0.92 -9.09
C ARG A 245 24.61 -1.31 -7.61
N LEU A 246 23.68 -2.13 -7.13
CA LEU A 246 23.85 -2.57 -5.76
C LEU A 246 24.62 -3.89 -5.68
N ARG A 247 24.43 -4.84 -6.57
CA ARG A 247 25.32 -6.00 -6.54
C ARG A 247 26.75 -5.64 -6.90
N ASN A 248 27.02 -4.42 -7.32
CA ASN A 248 28.34 -3.97 -7.70
C ASN A 248 28.97 -3.06 -6.66
N GLY A 249 28.27 -2.86 -5.53
CA GLY A 249 28.74 -1.97 -4.51
C GLY A 249 28.71 -0.50 -4.88
N THR A 250 28.38 -0.17 -6.13
CA THR A 250 28.33 1.24 -6.54
C THR A 250 27.38 2.04 -5.67
N LEU A 251 26.30 1.42 -5.21
CA LEU A 251 25.26 2.10 -4.49
C LEU A 251 24.98 1.27 -3.25
N ALA A 252 24.21 1.80 -2.30
CA ALA A 252 23.88 1.05 -1.11
C ALA A 252 22.39 1.17 -0.89
N VAL A 253 21.92 0.51 0.17
CA VAL A 253 20.51 0.49 0.53
C VAL A 253 20.36 0.95 1.97
N LEU A 254 19.43 1.88 2.17
CA LEU A 254 19.01 2.38 3.46
C LEU A 254 17.61 1.95 3.89
N SER A 255 16.93 1.11 3.12
CA SER A 255 15.55 0.78 3.41
C SER A 255 15.39 -0.56 4.09
N GLU A 256 16.47 -1.12 4.64
CA GLU A 256 16.38 -2.44 5.24
C GLU A 256 15.90 -2.41 6.69
N LEU A 257 15.67 -1.22 7.25
CA LEU A 257 14.97 -1.09 8.52
C LEU A 257 13.50 -0.83 8.25
N TYR A 258 13.20 0.09 7.34
CA TYR A 258 11.82 0.40 7.05
C TYR A 258 11.07 -0.86 6.58
N GLU A 259 11.49 -1.40 5.41
CA GLU A 259 10.97 -2.64 4.83
C GLU A 259 12.05 -3.60 4.37
N PRO A 260 12.52 -4.51 5.23
CA PRO A 260 13.45 -5.53 4.74
C PRO A 260 12.97 -6.21 3.47
N GLY A 261 13.84 -6.24 2.47
CA GLY A 261 13.54 -6.85 1.19
C GLY A 261 13.16 -5.88 0.11
N GLY A 262 12.79 -4.67 0.48
CA GLY A 262 12.32 -3.74 -0.52
C GLY A 262 10.94 -3.24 -0.16
N ILE A 263 10.58 -2.06 -0.65
CA ILE A 263 9.30 -1.42 -0.32
C ILE A 263 8.29 -1.96 -1.34
N ASP A 264 7.42 -2.85 -0.87
CA ASP A 264 6.43 -3.55 -1.68
C ASP A 264 5.39 -2.50 -2.05
N THR A 265 5.42 -2.00 -3.29
CA THR A 265 4.40 -1.11 -3.81
C THR A 265 3.39 -1.87 -4.65
N LYS A 266 2.13 -1.45 -4.57
CA LYS A 266 1.10 -2.00 -5.43
C LYS A 266 1.28 -1.49 -6.86
N VAL A 267 0.92 -2.33 -7.82
CA VAL A 267 0.87 -1.99 -9.23
C VAL A 267 -0.58 -2.10 -9.63
N TYR A 268 -1.12 -0.97 -10.03
CA TYR A 268 -2.50 -0.72 -10.36
C TYR A 268 -2.71 -0.79 -11.85
N CYS A 269 -3.94 -1.13 -12.23
CA CYS A 269 -4.35 -1.12 -13.62
C CYS A 269 -5.58 -0.20 -13.61
N TYR A 270 -5.52 0.87 -14.38
CA TYR A 270 -6.56 1.89 -14.48
C TYR A 270 -7.11 1.60 -15.87
N TYR A 271 -8.28 0.96 -15.89
CA TYR A 271 -8.95 0.60 -17.12
C TYR A 271 -10.02 1.62 -17.51
N ASN A 272 -10.13 1.95 -18.79
CA ASN A 272 -11.28 2.76 -19.24
C ASN A 272 -12.61 2.07 -18.98
N THR A 273 -13.57 2.84 -18.46
CA THR A 273 -14.86 2.27 -18.05
C THR A 273 -15.47 1.35 -19.10
N ALA A 274 -15.44 1.78 -20.37
CA ALA A 274 -16.05 1.03 -21.45
C ALA A 274 -15.45 -0.37 -21.55
N LEU A 275 -14.14 -0.49 -21.33
CA LEU A 275 -13.50 -1.78 -21.54
C LEU A 275 -13.98 -2.82 -20.56
N GLU A 276 -14.68 -2.40 -19.51
CA GLU A 276 -15.19 -3.36 -18.55
C GLU A 276 -16.13 -4.33 -19.24
N SER A 277 -16.74 -3.91 -20.36
CA SER A 277 -17.78 -4.74 -20.95
C SER A 277 -17.24 -5.67 -22.00
N GLU A 278 -15.93 -5.63 -22.23
CA GLU A 278 -15.33 -6.47 -23.26
C GLU A 278 -14.71 -7.68 -22.57
N ARG A 279 -15.23 -8.88 -22.89
CA ARG A 279 -14.72 -10.09 -22.26
C ARG A 279 -13.21 -10.22 -22.45
N SER A 280 -12.69 -9.55 -23.47
CA SER A 280 -11.25 -9.55 -23.73
C SER A 280 -10.47 -8.94 -22.56
N PHE A 281 -10.93 -7.78 -22.09
CA PHE A 281 -10.25 -7.14 -20.98
C PHE A 281 -10.18 -8.10 -19.80
N LEU A 282 -11.31 -8.74 -19.47
CA LEU A 282 -11.33 -9.64 -18.32
C LEU A 282 -10.40 -10.84 -18.52
N ARG A 283 -10.38 -11.41 -19.73
CA ARG A 283 -9.44 -12.52 -19.98
C ARG A 283 -7.99 -12.08 -19.87
N PHE A 284 -7.67 -10.88 -20.36
CA PHE A 284 -6.34 -10.31 -20.17
C PHE A 284 -6.02 -10.26 -18.69
N LEU A 285 -6.93 -9.67 -17.94
CA LEU A 285 -6.78 -9.47 -16.50
C LEU A 285 -6.52 -10.79 -15.77
N GLU A 286 -7.33 -11.80 -16.08
CA GLU A 286 -7.20 -13.08 -15.38
C GLU A 286 -5.80 -13.61 -15.62
N SER A 287 -5.45 -13.79 -16.90
CA SER A 287 -4.19 -14.43 -17.28
C SER A 287 -3.01 -13.62 -16.77
N ALA A 288 -3.05 -12.30 -16.91
CA ALA A 288 -1.96 -11.48 -16.39
C ALA A 288 -1.78 -11.75 -14.91
N ARG A 289 -2.82 -11.49 -14.11
CA ARG A 289 -2.68 -11.58 -12.66
C ARG A 289 -2.05 -12.93 -12.31
N GLN A 290 -2.56 -14.02 -12.89
CA GLN A 290 -1.93 -15.31 -12.67
C GLN A 290 -0.43 -15.31 -13.00
N ARG A 291 -0.07 -14.98 -14.24
CA ARG A 291 1.34 -15.03 -14.65
C ARG A 291 2.23 -14.19 -13.74
N LEU A 292 1.82 -12.95 -13.45
CA LEU A 292 2.62 -12.11 -12.57
C LEU A 292 2.83 -12.79 -11.22
N ARG A 293 1.79 -13.39 -10.63
CA ARG A 293 2.04 -14.06 -9.34
C ARG A 293 3.07 -15.19 -9.60
N GLN A 294 2.91 -15.94 -10.73
CA GLN A 294 3.86 -17.02 -11.03
C GLN A 294 5.28 -16.51 -11.10
N LEU A 295 5.48 -15.28 -11.59
CA LEU A 295 6.79 -14.66 -11.56
C LEU A 295 7.26 -14.47 -10.12
N GLY A 296 6.35 -14.05 -9.24
CA GLY A 296 6.73 -13.75 -7.87
C GLY A 296 7.37 -14.92 -7.14
N ARG A 297 7.33 -16.11 -7.72
CA ARG A 297 7.95 -17.29 -7.12
C ARG A 297 9.28 -17.59 -7.79
N ARG B 93 11.12 0.78 32.99
CA ARG B 93 11.08 -0.62 32.65
C ARG B 93 9.72 -1.07 32.14
N ASN B 94 8.70 -0.19 32.15
CA ASN B 94 7.45 -0.69 31.60
C ASN B 94 7.22 -0.19 30.16
N LEU B 95 6.55 -1.03 29.36
CA LEU B 95 6.36 -0.85 27.93
C LEU B 95 4.85 -0.74 27.70
N ARG B 96 4.45 0.17 26.81
CA ARG B 96 3.10 0.21 26.25
C ARG B 96 2.93 0.05 24.74
N VAL B 97 2.07 -0.85 24.30
CA VAL B 97 2.01 -1.21 22.88
C VAL B 97 0.53 -1.04 22.55
N LEU B 98 0.25 -0.43 21.37
CA LEU B 98 -1.12 -0.14 20.92
C LEU B 98 -1.39 -0.85 19.62
N LEU B 99 -1.95 -2.04 19.67
CA LEU B 99 -2.40 -2.73 18.49
C LEU B 99 -3.73 -2.09 18.02
N ASP B 100 -4.31 -2.58 16.93
CA ASP B 100 -5.54 -2.01 16.43
C ASP B 100 -6.47 -3.18 16.08
N THR B 101 -7.73 -2.86 15.82
CA THR B 101 -8.69 -3.92 15.59
C THR B 101 -8.50 -4.64 14.25
N ALA B 102 -7.70 -4.11 13.31
CA ALA B 102 -7.44 -4.87 12.08
C ALA B 102 -6.28 -5.84 12.23
N ILE B 103 -5.42 -5.67 13.24
CA ILE B 103 -4.30 -6.61 13.44
C ILE B 103 -4.85 -7.92 14.00
N PRO B 104 -4.68 -9.05 13.33
CA PRO B 104 -5.29 -10.26 13.78
C PRO B 104 -4.86 -10.55 15.21
N PRO B 105 -5.74 -11.18 15.96
CA PRO B 105 -5.44 -11.49 17.37
C PRO B 105 -4.23 -12.35 17.54
N SER B 106 -4.13 -13.32 16.63
CA SER B 106 -3.04 -14.28 16.64
C SER B 106 -1.70 -13.59 16.63
N PHE B 107 -1.59 -12.53 15.82
CA PHE B 107 -0.40 -11.71 15.84
C PHE B 107 -0.16 -11.19 17.24
N CYS B 108 -1.18 -10.56 17.81
CA CYS B 108 -0.98 -9.91 19.09
C CYS B 108 -0.40 -10.95 20.03
N ASP B 109 -0.86 -12.19 19.88
CA ASP B 109 -0.45 -13.27 20.74
C ASP B 109 1.01 -13.68 20.56
N THR B 110 1.38 -14.08 19.35
CA THR B 110 2.75 -14.54 19.12
C THR B 110 3.76 -13.43 19.42
N VAL B 111 3.47 -12.21 18.94
CA VAL B 111 4.40 -11.11 19.18
C VAL B 111 4.51 -10.91 20.66
N SER B 112 3.36 -10.83 21.33
CA SER B 112 3.24 -10.65 22.77
C SER B 112 4.34 -11.50 23.37
N SER B 113 4.37 -12.78 22.99
CA SER B 113 5.36 -13.67 23.56
C SER B 113 6.75 -13.08 23.30
N VAL B 114 6.99 -12.63 22.07
CA VAL B 114 8.34 -12.12 21.74
C VAL B 114 8.67 -10.92 22.62
N LEU B 115 7.71 -10.02 22.77
CA LEU B 115 7.83 -8.87 23.66
C LEU B 115 8.22 -9.34 25.05
N LEU B 116 7.53 -10.35 25.58
CA LEU B 116 7.79 -10.68 26.97
C LEU B 116 9.23 -11.10 27.21
N ASP B 117 9.85 -11.75 26.21
CA ASP B 117 11.23 -12.22 26.33
C ASP B 117 12.10 -10.98 26.51
N ASP B 118 12.67 -10.74 27.68
CA ASP B 118 13.41 -9.49 27.93
C ASP B 118 12.44 -8.37 28.28
N ASN B 120 9.63 -4.82 32.38
CA ASN B 120 9.06 -5.99 33.05
C ASN B 120 7.54 -5.88 33.15
N MET B 121 6.96 -5.20 32.17
CA MET B 121 5.54 -4.93 32.09
C MET B 121 5.32 -4.54 30.64
N VAL B 122 4.35 -5.20 30.00
CA VAL B 122 4.05 -4.87 28.60
C VAL B 122 2.57 -4.56 28.46
N SER B 123 2.14 -3.37 28.90
CA SER B 123 0.72 -2.99 28.89
C SER B 123 0.19 -2.88 27.43
N LEU B 124 -0.91 -3.59 27.17
CA LEU B 124 -1.50 -3.71 25.84
C LEU B 124 -2.79 -2.91 25.70
N ILE B 125 -2.92 -2.17 24.59
CA ILE B 125 -4.11 -1.34 24.34
C ILE B 125 -4.67 -1.65 22.96
N ARG B 126 -6.00 -1.68 22.83
CA ARG B 126 -6.66 -1.91 21.54
C ARG B 126 -7.50 -0.69 21.19
N THR B 127 -7.40 -0.24 19.92
CA THR B 127 -8.19 0.86 19.38
C THR B 127 -8.48 0.63 17.91
N SER B 128 -9.57 1.21 17.44
CA SER B 128 -9.91 1.19 16.02
C SER B 128 -8.91 1.99 15.17
N PRO B 129 -8.60 1.50 13.96
CA PRO B 129 -7.49 2.10 13.21
C PRO B 129 -7.56 3.61 13.10
N ALA B 130 -8.76 4.17 13.04
CA ALA B 130 -8.94 5.61 12.94
C ALA B 130 -8.38 6.35 14.16
N ASP B 131 -8.68 5.85 15.35
CA ASP B 131 -8.29 6.50 16.59
C ASP B 131 -6.88 6.13 17.06
N SER B 132 -6.21 5.24 16.36
CA SER B 132 -4.91 4.73 16.78
C SER B 132 -3.81 5.80 16.78
N LEU B 133 -3.53 6.38 15.62
CA LEU B 133 -2.47 7.38 15.52
C LEU B 133 -2.75 8.57 16.42
N ALA B 134 -4.03 8.96 16.49
CA ALA B 134 -4.44 10.04 17.37
C ALA B 134 -4.13 9.69 18.81
N THR B 135 -4.42 8.45 19.22
CA THR B 135 -4.20 8.05 20.59
C THR B 135 -2.72 8.16 20.92
N ILE B 136 -1.87 7.60 20.06
CA ILE B 136 -0.44 7.64 20.36
C ILE B 136 0.10 9.06 20.37
N LYS B 137 -0.50 9.96 19.57
CA LYS B 137 0.08 11.30 19.51
C LYS B 137 -0.02 12.06 20.82
N GLN B 138 -1.13 11.93 21.54
CA GLN B 138 -1.25 12.55 22.85
C GLN B 138 -0.08 12.17 23.77
N ASP B 139 0.71 13.16 24.20
CA ASP B 139 1.84 12.84 25.09
C ASP B 139 1.30 12.33 26.43
N ASN B 140 0.04 12.60 26.78
CA ASN B 140 -0.49 12.03 28.03
C ASN B 140 -0.75 10.51 27.92
N ALA B 141 -0.63 9.91 26.74
CA ALA B 141 -0.95 8.49 26.63
C ALA B 141 0.27 7.61 26.87
N GLU B 142 1.48 8.10 26.57
CA GLU B 142 2.75 7.42 26.86
C GLU B 142 2.70 6.01 26.26
N ILE B 143 2.42 6.03 24.95
CA ILE B 143 2.40 4.85 24.09
C ILE B 143 3.83 4.74 23.63
N ASP B 144 4.48 3.58 23.79
CA ASP B 144 5.87 3.46 23.30
C ASP B 144 5.94 2.86 21.91
N ILE B 145 5.08 1.87 21.64
CA ILE B 145 5.06 1.17 20.37
C ILE B 145 3.60 0.99 19.97
N ALA B 146 3.29 1.21 18.69
CA ALA B 146 1.94 1.06 18.18
C ALA B 146 1.95 0.30 16.86
N ILE B 147 1.10 -0.68 16.72
CA ILE B 147 1.14 -1.49 15.51
C ILE B 147 -0.24 -1.27 14.92
N THR B 148 -0.27 -0.50 13.86
CA THR B 148 -1.49 -0.11 13.18
C THR B 148 -1.30 0.01 11.70
N ILE B 149 -2.40 0.28 11.03
CA ILE B 149 -2.44 0.41 9.59
C ILE B 149 -2.59 1.81 9.07
N ASP B 150 -2.97 2.74 9.94
CA ASP B 150 -3.15 4.14 9.56
C ASP B 150 -1.84 4.72 9.07
N GLU B 151 -1.94 5.61 8.09
CA GLU B 151 -0.80 6.20 7.42
C GLU B 151 -0.74 7.66 7.83
N GLU B 152 0.45 8.05 8.31
CA GLU B 152 0.84 9.41 8.68
C GLU B 152 2.38 9.34 8.61
N LEU B 153 3.00 10.09 7.69
CA LEU B 153 4.46 10.02 7.55
C LEU B 153 5.34 10.75 8.57
N LYS B 154 5.16 12.06 8.83
CA LYS B 154 5.99 12.75 9.84
C LYS B 154 5.17 12.77 11.14
N ILE B 155 5.69 12.10 12.17
CA ILE B 155 5.02 11.98 13.47
C ILE B 155 5.96 12.33 14.61
N SER B 156 5.57 13.28 15.47
CA SER B 156 6.53 13.70 16.47
C SER B 156 6.83 12.52 17.39
N ARG B 157 8.09 12.40 17.75
CA ARG B 157 8.61 11.42 18.70
C ARG B 157 8.42 9.98 18.23
N PHE B 158 7.94 9.75 17.01
CA PHE B 158 7.69 8.39 16.56
C PHE B 158 8.21 8.23 15.13
N ASN B 159 8.89 7.11 14.91
CA ASN B 159 9.37 6.57 13.66
C ASN B 159 8.51 5.43 13.18
N GLN B 160 8.68 5.06 11.93
CA GLN B 160 7.76 4.14 11.28
C GLN B 160 8.59 3.03 10.65
N CYS B 161 7.97 1.86 10.57
CA CYS B 161 8.59 0.73 9.90
C CYS B 161 7.45 -0.14 9.40
N VAL B 162 7.75 -1.01 8.46
CA VAL B 162 6.77 -1.93 7.92
C VAL B 162 6.97 -3.25 8.60
N LEU B 163 5.89 -3.81 9.13
CA LEU B 163 5.96 -5.06 9.85
C LEU B 163 5.47 -6.22 8.98
N GLY B 164 4.86 -5.91 7.83
CA GLY B 164 4.27 -6.93 6.97
C GLY B 164 3.01 -6.44 6.28
N TYR B 165 2.13 -7.41 6.02
CA TYR B 165 0.91 -7.20 5.25
C TYR B 165 -0.21 -7.95 5.94
N THR B 166 -1.42 -7.46 5.70
CA THR B 166 -2.67 -8.03 6.15
C THR B 166 -3.70 -7.88 5.05
N LYS B 167 -4.81 -8.62 5.19
CA LYS B 167 -5.78 -8.68 4.09
C LYS B 167 -7.12 -8.19 4.62
N ALA B 168 -7.90 -7.65 3.72
CA ALA B 168 -9.18 -7.04 4.03
C ALA B 168 -10.12 -7.30 2.88
N PHE B 169 -11.41 -7.37 3.20
CA PHE B 169 -12.41 -7.61 2.17
C PHE B 169 -13.55 -6.61 2.23
N VAL B 170 -14.02 -6.23 1.04
CA VAL B 170 -15.31 -5.56 0.88
C VAL B 170 -16.39 -6.63 0.95
N VAL B 171 -17.24 -6.53 1.96
CA VAL B 171 -18.28 -7.51 2.26
C VAL B 171 -19.64 -6.85 2.16
N ALA B 172 -20.65 -7.69 1.93
CA ALA B 172 -22.03 -7.20 1.84
C ALA B 172 -22.99 -8.38 1.89
N HIS B 173 -24.22 -8.10 2.32
CA HIS B 173 -25.15 -9.22 2.48
C HIS B 173 -25.25 -10.02 1.18
N PRO B 174 -25.39 -11.34 1.28
CA PRO B 174 -25.40 -12.13 0.05
C PRO B 174 -26.47 -11.69 -0.91
N GLN B 175 -27.62 -11.24 -0.40
CA GLN B 175 -28.72 -10.81 -1.25
C GLN B 175 -28.82 -9.29 -1.39
N HIS B 176 -27.80 -8.56 -1.03
CA HIS B 176 -27.81 -7.13 -1.28
C HIS B 176 -27.76 -6.89 -2.79
N PRO B 177 -28.44 -5.87 -3.29
CA PRO B 177 -28.45 -5.58 -4.74
C PRO B 177 -27.04 -5.71 -5.32
N LEU B 178 -25.98 -5.18 -4.70
CA LEU B 178 -24.66 -5.26 -5.34
C LEU B 178 -24.31 -6.73 -5.65
N CYS B 179 -24.57 -7.62 -4.69
CA CYS B 179 -24.36 -9.07 -4.81
C CYS B 179 -24.99 -9.60 -6.09
N ASN B 180 -26.14 -9.03 -6.47
CA ASN B 180 -26.88 -9.42 -7.66
C ASN B 180 -25.93 -9.35 -8.85
N ALA B 181 -25.23 -8.24 -9.03
CA ALA B 181 -24.23 -8.21 -10.11
C ALA B 181 -23.20 -9.33 -9.92
N SER B 182 -22.47 -9.65 -11.00
CA SER B 182 -21.47 -10.73 -10.92
C SER B 182 -20.23 -10.30 -10.14
N LEU B 183 -19.73 -9.10 -10.39
CA LEU B 183 -18.58 -8.57 -9.68
C LEU B 183 -18.95 -7.13 -9.34
N HIS B 184 -17.96 -6.28 -9.07
CA HIS B 184 -18.27 -4.89 -8.76
C HIS B 184 -16.99 -4.07 -8.60
N SER B 185 -17.03 -2.86 -9.16
CA SER B 185 -15.95 -1.89 -9.22
C SER B 185 -16.22 -0.79 -8.20
N ILE B 186 -15.17 -0.03 -7.89
CA ILE B 186 -15.36 1.05 -6.89
C ILE B 186 -16.38 2.06 -7.40
N ALA B 187 -16.46 2.26 -8.71
CA ALA B 187 -17.48 3.14 -9.26
C ALA B 187 -18.87 2.53 -9.10
N SER B 188 -18.99 1.23 -9.30
CA SER B 188 -20.30 0.60 -9.14
C SER B 188 -20.74 0.64 -7.68
N LEU B 189 -19.81 0.55 -6.74
CA LEU B 189 -20.18 0.54 -5.34
C LEU B 189 -20.34 1.92 -4.72
N ALA B 190 -19.86 2.97 -5.40
CA ALA B 190 -19.94 4.33 -4.88
C ALA B 190 -21.37 4.83 -4.81
N ASN B 191 -22.28 4.28 -5.61
CA ASN B 191 -23.65 4.76 -5.59
C ASN B 191 -24.35 4.20 -4.38
N TYR B 192 -24.04 2.95 -4.04
CA TYR B 192 -24.58 2.26 -2.89
C TYR B 192 -23.85 2.69 -1.62
N ARG B 193 -24.53 2.49 -0.50
CA ARG B 193 -24.07 3.06 0.75
C ARG B 193 -22.91 2.29 1.33
N GLN B 194 -22.02 3.02 1.99
CA GLN B 194 -20.83 2.44 2.59
C GLN B 194 -21.07 2.54 4.08
N ILE B 195 -21.01 1.44 4.81
CA ILE B 195 -20.88 1.48 6.26
C ILE B 195 -19.40 1.64 6.56
N SER B 196 -19.01 2.72 7.22
CA SER B 196 -17.57 2.87 7.37
C SER B 196 -17.22 3.23 8.80
N LEU B 197 -15.97 2.98 9.12
CA LEU B 197 -15.35 3.29 10.39
C LEU B 197 -14.77 4.69 10.49
N GLY B 198 -14.72 5.20 11.72
CA GLY B 198 -14.13 6.52 11.92
C GLY B 198 -14.99 7.65 12.46
N SER B 199 -14.41 8.38 13.42
CA SER B 199 -14.91 9.70 13.80
C SER B 199 -15.03 10.55 12.54
N ARG B 200 -16.25 10.81 12.08
CA ARG B 200 -16.42 11.70 10.93
C ARG B 200 -15.68 13.00 11.18
N SER B 201 -15.83 13.57 12.38
CA SER B 201 -15.19 14.84 12.69
C SER B 201 -13.69 14.79 12.40
N GLY B 202 -13.04 13.72 12.84
CA GLY B 202 -11.65 13.50 12.49
C GLY B 202 -11.48 13.32 11.00
N GLN B 203 -10.56 14.08 10.40
CA GLN B 203 -10.27 13.95 8.96
C GLN B 203 -9.62 12.58 8.75
N HIS B 204 -10.47 11.55 8.73
CA HIS B 204 -10.03 10.17 8.53
C HIS B 204 -8.94 10.13 7.47
N SER B 205 -7.98 9.22 7.61
CA SER B 205 -6.87 9.21 6.68
C SER B 205 -7.36 8.88 5.27
N ASN B 206 -6.55 9.27 4.27
CA ASN B 206 -6.72 8.72 2.93
C ASN B 206 -7.03 7.24 3.00
N LEU B 207 -6.27 6.48 3.81
CA LEU B 207 -6.41 5.04 3.77
C LEU B 207 -7.82 4.69 4.20
N LEU B 208 -8.34 5.39 5.21
CA LEU B 208 -9.66 5.01 5.71
C LEU B 208 -10.77 5.95 5.20
N ARG B 209 -10.51 6.75 4.16
CA ARG B 209 -11.54 7.67 3.68
C ARG B 209 -12.68 6.84 3.07
N PRO B 210 -13.94 7.24 3.27
CA PRO B 210 -15.05 6.58 2.59
C PRO B 210 -15.04 6.78 1.08
N VAL B 211 -15.34 5.66 0.40
CA VAL B 211 -15.33 5.59 -1.06
C VAL B 211 -16.65 5.97 -1.68
N SER B 212 -17.70 6.11 -0.90
CA SER B 212 -19.02 6.33 -1.44
C SER B 212 -19.49 7.69 -0.96
N ASP B 213 -20.37 8.33 -1.74
CA ASP B 213 -20.95 9.59 -1.31
C ASP B 213 -22.02 9.32 -0.27
N LYS B 214 -22.63 8.14 -0.31
CA LYS B 214 -23.63 7.79 0.69
C LYS B 214 -22.96 6.79 1.67
N VAL B 215 -22.76 7.27 2.90
CA VAL B 215 -21.98 6.60 3.92
C VAL B 215 -22.74 6.74 5.23
N LEU B 216 -22.37 5.88 6.18
CA LEU B 216 -22.95 5.88 7.51
C LEU B 216 -21.80 5.52 8.44
N PHE B 217 -21.48 6.37 9.40
CA PHE B 217 -20.30 6.12 10.21
C PHE B 217 -20.67 5.26 11.42
N VAL B 218 -19.73 4.38 11.77
CA VAL B 218 -19.74 3.61 13.00
C VAL B 218 -18.37 3.77 13.62
N GLU B 219 -18.27 3.27 14.86
CA GLU B 219 -17.07 3.38 15.64
C GLU B 219 -16.36 2.05 15.79
N ASN B 220 -17.00 0.96 15.40
CA ASN B 220 -16.40 -0.36 15.56
C ASN B 220 -16.70 -1.31 14.42
N PHE B 221 -16.01 -2.46 14.47
CA PHE B 221 -16.19 -3.47 13.45
C PHE B 221 -17.43 -4.31 13.72
N ASP B 222 -17.74 -4.52 14.99
CA ASP B 222 -18.91 -5.30 15.33
C ASP B 222 -20.17 -4.60 14.84
N ASP B 223 -20.24 -3.29 15.10
CA ASP B 223 -21.43 -2.59 14.67
C ASP B 223 -21.48 -2.42 13.15
N MET B 224 -20.31 -2.35 12.51
CA MET B 224 -20.30 -2.32 11.05
C MET B 224 -20.89 -3.59 10.46
N LEU B 225 -20.39 -4.75 10.91
CA LEU B 225 -20.83 -5.98 10.28
C LEU B 225 -22.26 -6.37 10.65
N ARG B 226 -22.69 -6.08 11.89
CA ARG B 226 -24.09 -6.28 12.24
C ARG B 226 -24.96 -5.47 11.29
N LEU B 227 -24.61 -4.19 11.05
CA LEU B 227 -25.47 -3.39 10.18
C LEU B 227 -25.47 -3.99 8.78
N VAL B 228 -24.27 -4.30 8.26
CA VAL B 228 -24.14 -4.85 6.91
C VAL B 228 -24.92 -6.15 6.74
N GLU B 229 -24.91 -6.98 7.77
CA GLU B 229 -25.67 -8.23 7.80
C GLU B 229 -27.17 -8.02 7.77
N ALA B 230 -27.61 -6.80 8.05
CA ALA B 230 -28.99 -6.37 7.88
C ALA B 230 -29.21 -5.62 6.59
N GLY B 231 -28.29 -5.76 5.64
CA GLY B 231 -28.41 -5.13 4.35
C GLY B 231 -28.28 -3.63 4.33
N VAL B 232 -27.99 -2.97 5.45
CA VAL B 232 -27.91 -1.51 5.44
C VAL B 232 -26.97 -1.05 4.34
N GLY B 233 -25.76 -1.61 4.29
CA GLY B 233 -24.82 -1.27 3.25
C GLY B 233 -23.73 -2.30 3.11
N TRP B 234 -22.59 -1.86 2.57
CA TRP B 234 -21.41 -2.69 2.43
C TRP B 234 -20.27 -2.09 3.22
N GLY B 235 -19.21 -2.88 3.45
CA GLY B 235 -18.13 -2.35 4.26
C GLY B 235 -16.81 -3.03 3.96
N ILE B 236 -15.75 -2.54 4.61
CA ILE B 236 -14.41 -3.11 4.49
C ILE B 236 -14.01 -3.60 5.87
N ALA B 237 -13.80 -4.90 5.98
CA ALA B 237 -13.48 -5.60 7.22
C ALA B 237 -12.17 -6.35 7.10
N PRO B 238 -11.53 -6.66 8.22
CA PRO B 238 -10.34 -7.52 8.15
C PRO B 238 -10.77 -8.95 7.87
N HIS B 239 -9.83 -9.74 7.38
CA HIS B 239 -10.08 -11.17 7.14
C HIS B 239 -10.52 -11.92 8.41
N TYR B 240 -9.77 -11.75 9.49
CA TYR B 240 -9.98 -12.52 10.71
C TYR B 240 -11.44 -12.47 11.17
N PHE B 241 -12.17 -11.42 10.81
CA PHE B 241 -13.58 -11.26 11.15
C PHE B 241 -14.47 -12.10 10.26
N VAL B 242 -14.69 -11.55 9.06
CA VAL B 242 -15.66 -12.04 8.11
C VAL B 242 -15.29 -13.43 7.62
N GLU B 243 -14.22 -14.04 8.14
CA GLU B 243 -13.80 -15.31 7.61
C GLU B 243 -14.85 -16.38 7.74
N GLU B 244 -15.36 -16.55 8.94
CA GLU B 244 -16.35 -17.62 9.11
C GLU B 244 -17.67 -17.22 8.47
N ARG B 245 -18.11 -15.98 8.73
CA ARG B 245 -19.38 -15.52 8.18
C ARG B 245 -19.32 -15.47 6.66
N LEU B 246 -18.12 -15.61 6.05
CA LEU B 246 -18.06 -15.82 4.61
C LEU B 246 -17.96 -17.30 4.23
N ARG B 247 -17.27 -18.16 4.99
CA ARG B 247 -17.37 -19.59 4.71
C ARG B 247 -18.78 -20.13 4.94
N ASN B 248 -19.53 -19.55 5.88
CA ASN B 248 -20.91 -19.90 6.18
C ASN B 248 -21.90 -19.36 5.16
N GLY B 249 -21.41 -18.68 4.12
CA GLY B 249 -22.28 -18.06 3.14
C GLY B 249 -23.09 -16.89 3.65
N THR B 250 -23.00 -16.59 4.93
CA THR B 250 -23.78 -15.49 5.50
C THR B 250 -23.47 -14.20 4.77
N LEU B 251 -22.22 -14.00 4.35
CA LEU B 251 -21.80 -12.73 3.79
C LEU B 251 -21.09 -12.99 2.46
N ALA B 252 -20.94 -11.95 1.62
CA ALA B 252 -20.37 -12.15 0.28
C ALA B 252 -19.19 -11.21 0.14
N VAL B 253 -18.51 -11.27 -1.01
CA VAL B 253 -17.35 -10.43 -1.27
C VAL B 253 -17.50 -9.74 -2.61
N LEU B 254 -17.27 -8.42 -2.63
CA LEU B 254 -17.22 -7.61 -3.83
C LEU B 254 -15.82 -7.14 -4.19
N SER B 255 -14.79 -7.62 -3.50
CA SER B 255 -13.43 -7.16 -3.73
C SER B 255 -12.64 -8.12 -4.59
N GLU B 256 -13.31 -9.04 -5.26
CA GLU B 256 -12.67 -10.07 -6.07
C GLU B 256 -12.35 -9.54 -7.46
N LEU B 257 -12.87 -8.37 -7.82
CA LEU B 257 -12.43 -7.72 -9.05
C LEU B 257 -11.28 -6.78 -8.76
N TYR B 258 -11.46 -5.92 -7.75
CA TYR B 258 -10.40 -4.96 -7.43
C TYR B 258 -9.12 -5.70 -7.08
N GLU B 259 -9.15 -6.46 -5.98
CA GLU B 259 -8.01 -7.30 -5.58
C GLU B 259 -8.35 -8.75 -5.21
N PRO B 260 -8.32 -9.66 -6.17
CA PRO B 260 -8.49 -11.09 -5.86
C PRO B 260 -7.55 -11.59 -4.77
N GLY B 261 -8.15 -12.29 -3.79
CA GLY B 261 -7.51 -12.81 -2.62
C GLY B 261 -7.76 -11.96 -1.40
N GLY B 262 -8.15 -10.71 -1.61
CA GLY B 262 -8.33 -9.78 -0.53
C GLY B 262 -7.46 -8.57 -0.78
N ILE B 263 -7.78 -7.41 -0.23
CA ILE B 263 -7.03 -6.18 -0.47
C ILE B 263 -5.98 -6.09 0.64
N ASP B 264 -4.71 -6.30 0.27
CA ASP B 264 -3.58 -6.41 1.18
C ASP B 264 -3.26 -5.01 1.68
N THR B 265 -3.51 -4.70 2.94
CA THR B 265 -3.03 -3.42 3.47
C THR B 265 -1.73 -3.67 4.22
N LYS B 266 -0.77 -2.73 4.16
CA LYS B 266 0.46 -2.92 4.97
C LYS B 266 0.11 -2.66 6.45
N VAL B 267 0.92 -3.25 7.31
CA VAL B 267 0.84 -3.06 8.74
C VAL B 267 2.07 -2.28 9.18
N TYR B 268 1.88 -1.06 9.70
CA TYR B 268 3.01 -0.21 10.07
C TYR B 268 3.18 -0.32 11.58
N CYS B 269 4.41 -0.10 12.05
CA CYS B 269 4.69 -0.01 13.47
C CYS B 269 5.37 1.33 13.71
N TYR B 270 4.79 2.11 14.62
CA TYR B 270 5.27 3.44 14.95
C TYR B 270 5.91 3.32 16.32
N TYR B 271 7.23 3.31 16.35
CA TYR B 271 7.99 3.17 17.59
C TYR B 271 8.58 4.48 18.12
N ASN B 272 8.60 4.61 19.45
CA ASN B 272 9.34 5.72 20.07
C ASN B 272 10.83 5.66 19.73
N THR B 273 11.35 6.84 19.33
CA THR B 273 12.71 6.94 18.80
C THR B 273 13.74 6.24 19.66
N ALA B 274 13.65 6.41 20.98
CA ALA B 274 14.65 5.83 21.87
C ALA B 274 14.80 4.33 21.66
N LEU B 275 13.69 3.64 21.47
CA LEU B 275 13.70 2.21 21.40
C LEU B 275 14.54 1.70 20.25
N GLU B 276 14.95 2.59 19.35
CA GLU B 276 15.81 2.17 18.26
C GLU B 276 17.13 1.64 18.75
N SER B 277 17.54 2.00 19.97
CA SER B 277 18.89 1.66 20.42
C SER B 277 18.97 0.37 21.21
N GLU B 278 17.87 -0.34 21.41
CA GLU B 278 17.83 -1.52 22.26
C GLU B 278 17.63 -2.71 21.31
N ARG B 279 18.56 -3.66 21.37
CA ARG B 279 18.46 -4.91 20.62
C ARG B 279 17.18 -5.67 20.91
N SER B 280 16.56 -5.45 22.07
CA SER B 280 15.30 -6.12 22.35
C SER B 280 14.27 -5.74 21.29
N PHE B 281 14.14 -4.44 21.00
CA PHE B 281 13.27 -3.98 19.92
C PHE B 281 13.62 -4.64 18.59
N LEU B 282 14.90 -4.72 18.25
CA LEU B 282 15.27 -5.24 16.93
C LEU B 282 14.81 -6.68 16.80
N ARG B 283 15.03 -7.46 17.86
CA ARG B 283 14.55 -8.84 17.90
C ARG B 283 13.04 -8.92 17.86
N PHE B 284 12.36 -7.96 18.50
CA PHE B 284 10.91 -7.91 18.43
C PHE B 284 10.49 -7.85 16.96
N LEU B 285 11.01 -6.84 16.23
CA LEU B 285 10.60 -6.69 14.83
C LEU B 285 10.88 -7.91 13.98
N GLU B 286 12.07 -8.47 14.11
CA GLU B 286 12.37 -9.64 13.29
C GLU B 286 11.26 -10.66 13.52
N SER B 287 11.08 -11.03 14.79
CA SER B 287 10.14 -12.08 15.10
C SER B 287 8.72 -11.72 14.67
N ALA B 288 8.31 -10.45 14.87
CA ALA B 288 6.97 -10.01 14.47
C ALA B 288 6.79 -10.25 12.99
N ARG B 289 7.67 -9.65 12.19
CA ARG B 289 7.65 -9.78 10.74
C ARG B 289 7.54 -11.23 10.29
N GLN B 290 8.33 -12.10 10.93
CA GLN B 290 8.18 -13.53 10.68
C GLN B 290 6.71 -13.90 10.90
N ARG B 291 6.19 -13.62 12.10
CA ARG B 291 4.83 -14.02 12.45
C ARG B 291 3.83 -13.61 11.37
N LEU B 292 3.88 -12.32 10.96
CA LEU B 292 2.96 -11.87 9.93
C LEU B 292 3.14 -12.65 8.63
N ARG B 293 4.38 -12.88 8.20
CA ARG B 293 4.58 -13.64 6.97
C ARG B 293 3.94 -15.01 7.11
N GLN B 294 4.21 -15.67 8.24
CA GLN B 294 3.63 -16.94 8.62
C GLN B 294 2.13 -16.97 8.40
N LEU B 295 1.41 -16.21 9.21
CA LEU B 295 -0.04 -16.04 9.04
C LEU B 295 -0.37 -16.07 7.55
N GLY B 296 0.43 -15.41 6.73
CA GLY B 296 0.23 -15.43 5.30
C GLY B 296 0.29 -16.77 4.62
N XBH C . 8.85 5.58 -6.29
C XBH C . 9.12 3.33 -7.09
C1 XBH C . 8.62 4.30 -6.04
C10 XBH C . 9.88 4.60 2.42
C11 XBH C . 10.90 4.29 3.29
C12 XBH C . 11.96 5.16 3.49
C13 XBH C . 11.96 6.37 2.80
C14 XBH C . 10.93 6.68 1.91
C15 XBH C . 13.10 4.77 4.42
C16 XBH C . 13.87 5.80 5.17
C17 XBH C . 14.53 5.06 4.07
C18 XBH C . 7.92 3.83 -4.93
C2 XBH C . 8.39 6.48 -5.39
C3 XBH C . 7.69 6.11 -4.25
C4 XBH C . 7.44 4.77 -4.02
C5 XBH C . 6.10 5.35 -2.05
C6 XBH C . 7.12 5.79 -1.04
C7 XBH C . 7.64 7.01 -0.84
C8 XBH C . 8.87 5.98 0.64
C9 XBH C . 9.90 5.77 1.70
F XBH C . 10.40 3.00 -6.90
F1 XBH C . 8.42 2.20 -7.11
F2 XBH C . 9.05 3.85 -8.32
N1 XBH C . 6.69 4.38 -2.93
N2 XBH C . 8.63 7.17 0.11
S XBH C . 7.91 4.69 0.02
H6 XBH C . 9.05 3.89 2.29
H7 XBH C . 10.88 3.35 3.85
H8 XBH C . 12.76 7.08 2.95
H9 XBH C . 10.95 7.62 1.39
H10 XBH C . 12.85 3.83 4.90
H12 XBH C . 13.64 6.85 5.08
H11 XBH C . 14.17 5.61 6.21
H13 XBH C . 15.29 4.32 4.26
H14 XBH C . 14.76 5.57 3.13
H15 XBH C . 7.77 2.77 -4.77
H XBH C . 8.61 7.51 -5.63
H1 XBH C . 7.35 6.90 -3.58
H3 XBH C . 5.22 4.94 -1.54
H4 XBH C . 5.73 6.20 -2.61
H5 XBH C . 7.33 7.92 -1.36
H2 XBH C . 6.54 3.39 -2.75
N XBH D . -10.02 -0.79 6.65
C XBH D . -9.06 -2.90 7.28
C1 XBH D . -9.18 -1.77 6.28
C10 XBH D . -11.06 -1.32 -2.54
C11 XBH D . -11.87 -2.03 -3.40
C12 XBH D . -13.25 -1.85 -3.41
C13 XBH D . -13.79 -0.91 -2.54
C14 XBH D . -12.99 -0.20 -1.66
C15 XBH D . -14.12 -2.67 -4.33
C16 XBH D . -15.12 -2.02 -5.25
C17 XBH D . -13.90 -2.64 -5.82
C18 XBH D . -8.49 -1.78 5.08
C2 XBH D . -10.19 0.22 5.78
C3 XBH D . -9.54 0.30 4.56
C4 XBH D . -8.66 -0.72 4.21
C5 XBH D . -7.99 0.52 2.18
C6 XBH D . -9.10 0.56 1.18
C7 XBH D . -10.17 1.41 1.14
C8 XBH D . -10.77 0.15 -0.57
C9 XBH D . -11.60 -0.42 -1.63
F XBH D . -8.04 -3.71 6.99
F1 XBH D . -8.86 -2.47 8.52
F2 XBH D . -10.16 -3.66 7.32
N1 XBH D . -7.98 -0.67 3.00
N2 XBH D . -11.09 1.18 0.16
S XBH D . -9.26 -0.60 -0.09
H6 XBH D . -9.99 -1.47 -2.56
H7 XBH D . -11.42 -2.75 -4.09
H8 XBH D . -14.86 -0.74 -2.54
H9 XBH D . -13.43 0.53 -1.00
H10 XBH D . -14.39 -3.60 -3.85
H12 XBH D . -16.09 -2.48 -5.41
H11 XBH D . -15.23 -0.94 -5.26
H13 XBH D . -13.10 -2.03 -6.24
H14 XBH D . -13.96 -3.57 -6.40
H15 XBH D . -7.82 -2.61 4.84
H XBH D . -10.88 0.99 6.11
H1 XBH D . -9.73 1.17 3.92
H3 XBH D . -7.03 0.61 1.66
H4 XBH D . -8.05 1.41 2.82
H5 XBH D . -10.34 2.26 1.81
H2 XBH D . -7.46 -1.48 2.67
#